data_1FU5
#
_entry.id   1FU5
#
_cell.length_a   1.000
_cell.length_b   1.000
_cell.length_c   1.000
_cell.angle_alpha   90.00
_cell.angle_beta   90.00
_cell.angle_gamma   90.00
#
_symmetry.space_group_name_H-M   'P 1'
#
loop_
_entity.id
_entity.type
_entity.pdbx_description
1 polymer 'PHOSPHATIDYLINOSITOL 3-KINASE REGULATORY ALPHA SUBUNIT'
2 polymer 'DOUBLY PHOSPHORYLATED MIDDLE T ANTIGEN'
#
loop_
_entity_poly.entity_id
_entity_poly.type
_entity_poly.pdbx_seq_one_letter_code
_entity_poly.pdbx_strand_id
1 'polypeptide(L)'
;GMNNNMSLQDAEWYWGDISREEVNEKLRDTADGTFLVRDASTKMHGDYTLTLRKGGNNKSIKIFHRDGKYGFSDPLTFNS
VVELINHYRNESLAQYNPKLDVKLLYPVSKY
;
A
2 'polypeptide(L)' EEE(PTR)MPMEDL(PTR)LDIL B
#
# COMPACT_ATOMS: atom_id res chain seq x y z
N GLY A 1 -20.15 7.35 -1.61
CA GLY A 1 -20.07 6.85 -0.24
C GLY A 1 -18.75 7.28 0.41
N MET A 2 -17.65 6.86 -0.20
CA MET A 2 -16.34 7.20 0.30
C MET A 2 -15.38 7.55 -0.84
N ASN A 3 -15.53 8.75 -1.36
CA ASN A 3 -14.69 9.21 -2.45
C ASN A 3 -14.84 8.27 -3.64
N ASN A 4 -15.83 8.56 -4.47
CA ASN A 4 -16.09 7.75 -5.65
C ASN A 4 -15.17 8.19 -6.78
N ASN A 5 -15.29 9.46 -7.13
CA ASN A 5 -14.47 10.02 -8.20
C ASN A 5 -13.26 10.72 -7.59
N MET A 6 -12.31 9.91 -7.13
CA MET A 6 -11.11 10.44 -6.52
C MET A 6 -10.18 9.31 -6.07
N SER A 7 -8.90 9.51 -6.29
CA SER A 7 -7.90 8.52 -5.91
C SER A 7 -8.14 7.22 -6.68
N LEU A 8 -7.06 6.46 -6.84
CA LEU A 8 -7.14 5.20 -7.56
C LEU A 8 -8.15 4.29 -6.86
N GLN A 9 -7.91 4.03 -5.59
CA GLN A 9 -8.79 3.18 -4.80
C GLN A 9 -9.38 2.08 -5.68
N ASP A 10 -8.53 1.54 -6.55
CA ASP A 10 -8.96 0.48 -7.46
C ASP A 10 -7.73 -0.28 -7.96
N ALA A 11 -6.72 -0.34 -7.11
CA ALA A 11 -5.49 -1.02 -7.45
C ALA A 11 -5.46 -2.39 -6.76
N GLU A 12 -6.63 -3.03 -6.74
CA GLU A 12 -6.75 -4.33 -6.11
C GLU A 12 -6.50 -4.23 -4.61
N TRP A 13 -5.23 -4.06 -4.26
CA TRP A 13 -4.84 -3.95 -2.87
C TRP A 13 -5.65 -2.82 -2.24
N TYR A 14 -6.03 -1.86 -3.09
CA TYR A 14 -6.80 -0.73 -2.63
C TYR A 14 -8.30 -1.03 -2.66
N TRP A 15 -8.63 -2.28 -2.39
CA TRP A 15 -10.01 -2.72 -2.38
C TRP A 15 -10.84 -1.62 -1.72
N GLY A 16 -10.44 -1.27 -0.50
CA GLY A 16 -11.15 -0.24 0.25
C GLY A 16 -11.74 -0.81 1.53
N ASP A 17 -11.01 -0.63 2.62
CA ASP A 17 -11.45 -1.12 3.92
C ASP A 17 -11.81 -2.60 3.80
N ILE A 18 -10.97 -3.43 4.38
CA ILE A 18 -11.18 -4.87 4.35
C ILE A 18 -11.46 -5.37 5.77
N SER A 19 -11.63 -4.42 6.68
CA SER A 19 -11.89 -4.75 8.06
C SER A 19 -10.60 -5.20 8.75
N ARG A 20 -10.05 -4.30 9.55
CA ARG A 20 -8.81 -4.59 10.27
C ARG A 20 -8.73 -6.08 10.59
N GLU A 21 -9.58 -6.52 11.50
CA GLU A 21 -9.61 -7.91 11.89
C GLU A 21 -9.34 -8.81 10.68
N GLU A 22 -10.20 -8.68 9.68
CA GLU A 22 -10.07 -9.47 8.47
C GLU A 22 -8.60 -9.48 8.00
N VAL A 23 -8.01 -8.30 8.01
CA VAL A 23 -6.63 -8.16 7.58
C VAL A 23 -5.77 -9.21 8.30
N ASN A 24 -6.23 -9.60 9.48
CA ASN A 24 -5.53 -10.58 10.28
C ASN A 24 -5.78 -11.98 9.71
N GLU A 25 -6.98 -12.14 9.17
CA GLU A 25 -7.38 -13.41 8.59
C GLU A 25 -7.36 -13.33 7.06
N LYS A 26 -6.68 -12.30 6.57
CA LYS A 26 -6.57 -12.09 5.13
C LYS A 26 -5.14 -12.37 4.68
N LEU A 27 -4.21 -11.71 5.35
CA LEU A 27 -2.80 -11.86 5.03
C LEU A 27 -2.01 -12.06 6.32
N ARG A 28 -2.51 -12.96 7.15
CA ARG A 28 -1.85 -13.25 8.42
C ARG A 28 -0.34 -13.35 8.23
N ASP A 29 0.04 -13.95 7.10
CA ASP A 29 1.45 -14.12 6.79
C ASP A 29 1.57 -14.93 5.50
N THR A 30 0.70 -14.63 4.55
CA THR A 30 0.70 -15.31 3.27
C THR A 30 2.07 -15.18 2.61
N ALA A 31 2.32 -14.01 2.04
CA ALA A 31 3.58 -13.76 1.37
C ALA A 31 3.69 -12.26 1.06
N ASP A 32 4.88 -11.86 0.66
CA ASP A 32 5.14 -10.47 0.32
C ASP A 32 4.36 -10.11 -0.95
N GLY A 33 4.27 -8.81 -1.19
CA GLY A 33 3.56 -8.31 -2.36
C GLY A 33 2.04 -8.47 -2.18
N THR A 34 1.66 -9.01 -1.04
CA THR A 34 0.26 -9.21 -0.74
C THR A 34 -0.37 -7.92 -0.21
N PHE A 35 -0.07 -6.83 -0.89
CA PHE A 35 -0.58 -5.53 -0.50
C PHE A 35 -2.06 -5.63 -0.12
N LEU A 36 -2.54 -4.60 0.56
CA LEU A 36 -3.92 -4.55 0.99
C LEU A 36 -4.16 -3.27 1.80
N VAL A 37 -5.42 -2.85 1.81
CA VAL A 37 -5.79 -1.65 2.55
C VAL A 37 -6.98 -1.95 3.45
N ARG A 38 -7.06 -1.22 4.55
CA ARG A 38 -8.14 -1.41 5.51
C ARG A 38 -8.66 -0.05 5.98
N ASP A 39 -7.73 0.83 6.29
CA ASP A 39 -8.08 2.16 6.75
C ASP A 39 -8.96 2.05 8.01
N ALA A 40 -8.80 3.01 8.89
CA ALA A 40 -9.57 3.03 10.13
C ALA A 40 -9.21 4.30 10.91
N SER A 41 -9.08 4.12 12.22
CA SER A 41 -8.75 5.23 13.10
C SER A 41 -7.77 6.17 12.40
N THR A 42 -6.57 5.67 12.20
CA THR A 42 -5.53 6.46 11.55
C THR A 42 -6.02 6.97 10.19
N LYS A 43 -6.63 8.15 10.24
CA LYS A 43 -7.16 8.77 9.03
C LYS A 43 -6.47 10.11 8.81
N MET A 44 -6.51 10.94 9.83
CA MET A 44 -5.89 12.25 9.77
C MET A 44 -4.45 12.15 9.26
N HIS A 45 -3.67 11.33 9.94
CA HIS A 45 -2.28 11.13 9.56
C HIS A 45 -2.13 9.82 8.80
N GLY A 46 -2.64 9.82 7.57
CA GLY A 46 -2.57 8.64 6.73
C GLY A 46 -3.53 8.76 5.55
N ASP A 47 -3.12 8.17 4.43
CA ASP A 47 -3.93 8.21 3.23
C ASP A 47 -5.08 7.20 3.36
N TYR A 48 -4.70 5.93 3.40
CA TYR A 48 -5.68 4.87 3.53
C TYR A 48 -5.03 3.58 4.06
N THR A 49 -3.98 3.78 4.84
CA THR A 49 -3.27 2.65 5.42
C THR A 49 -2.97 1.59 4.36
N LEU A 50 -2.39 0.49 4.80
CA LEU A 50 -2.07 -0.60 3.90
C LEU A 50 -1.39 -1.72 4.69
N THR A 51 -1.67 -2.95 4.27
CA THR A 51 -1.08 -4.11 4.93
C THR A 51 -0.32 -4.97 3.91
N LEU A 52 0.93 -5.24 4.25
CA LEU A 52 1.78 -6.04 3.38
C LEU A 52 2.83 -6.75 4.23
N ARG A 53 3.42 -7.80 3.66
CA ARG A 53 4.44 -8.56 4.34
C ARG A 53 5.83 -8.15 3.85
N LYS A 54 6.63 -7.65 4.79
CA LYS A 54 7.98 -7.22 4.46
C LYS A 54 8.89 -8.44 4.32
N GLY A 55 8.51 -9.31 3.40
CA GLY A 55 9.27 -10.52 3.15
C GLY A 55 9.14 -11.50 4.32
N GLY A 56 8.01 -11.41 5.01
CA GLY A 56 7.74 -12.27 6.15
C GLY A 56 8.13 -11.58 7.46
N ASN A 57 8.67 -10.37 7.32
CA ASN A 57 9.08 -9.60 8.48
C ASN A 57 7.87 -8.87 9.06
N ASN A 58 7.06 -8.32 8.16
CA ASN A 58 5.87 -7.60 8.57
C ASN A 58 6.27 -6.41 9.43
N LYS A 59 5.92 -5.22 8.96
CA LYS A 59 6.24 -3.99 9.68
C LYS A 59 4.95 -3.28 10.06
N SER A 60 4.15 -2.98 9.06
CA SER A 60 2.89 -2.30 9.28
C SER A 60 2.31 -1.82 7.95
N ILE A 61 3.16 -1.20 7.16
CA ILE A 61 2.75 -0.68 5.87
C ILE A 61 1.57 0.29 6.05
N LYS A 62 1.60 1.35 5.26
CA LYS A 62 0.54 2.35 5.33
C LYS A 62 0.90 3.52 4.41
N ILE A 63 -0.13 4.08 3.79
CA ILE A 63 0.06 5.20 2.89
C ILE A 63 -0.31 6.49 3.61
N PHE A 64 0.41 7.56 3.25
CA PHE A 64 0.17 8.85 3.86
C PHE A 64 -0.44 9.83 2.84
N HIS A 65 -0.94 10.94 3.36
CA HIS A 65 -1.55 11.96 2.51
C HIS A 65 -0.76 13.26 2.63
N ARG A 66 -0.75 14.01 1.54
CA ARG A 66 -0.04 15.28 1.50
C ARG A 66 -0.88 16.33 0.76
N ASP A 67 -0.74 16.33 -0.55
CA ASP A 67 -1.47 17.27 -1.38
C ASP A 67 -2.69 16.58 -1.99
N GLY A 68 -3.57 16.13 -1.11
CA GLY A 68 -4.77 15.45 -1.55
C GLY A 68 -4.51 13.97 -1.81
N LYS A 69 -3.44 13.72 -2.54
CA LYS A 69 -3.05 12.36 -2.88
C LYS A 69 -2.20 11.78 -1.75
N TYR A 70 -1.51 10.69 -2.05
CA TYR A 70 -0.66 10.03 -1.08
C TYR A 70 0.33 11.03 -0.46
N GLY A 71 1.33 10.47 0.21
CA GLY A 71 2.34 11.29 0.86
C GLY A 71 3.73 10.70 0.64
N PHE A 72 4.22 10.03 1.66
CA PHE A 72 5.54 9.40 1.60
C PHE A 72 5.81 8.87 0.19
N SER A 73 4.75 8.44 -0.47
CA SER A 73 4.88 7.89 -1.81
C SER A 73 5.07 9.03 -2.81
N ASP A 74 6.07 9.85 -2.54
CA ASP A 74 6.37 10.98 -3.40
C ASP A 74 5.17 11.92 -3.44
N PRO A 75 5.14 12.85 -2.46
CA PRO A 75 4.06 13.82 -2.37
C PRO A 75 4.20 14.91 -3.44
N LEU A 76 4.24 14.46 -4.69
CA LEU A 76 4.38 15.38 -5.81
C LEU A 76 3.05 15.47 -6.55
N THR A 77 2.39 14.33 -6.67
CA THR A 77 1.12 14.26 -7.36
C THR A 77 0.89 12.87 -7.95
N PHE A 78 1.19 11.86 -7.14
CA PHE A 78 1.04 10.49 -7.57
C PHE A 78 -0.02 9.77 -6.74
N ASN A 79 -1.21 9.65 -7.32
CA ASN A 79 -2.31 8.99 -6.65
C ASN A 79 -2.79 7.80 -7.48
N SER A 80 -1.81 7.10 -8.07
CA SER A 80 -2.11 5.95 -8.89
C SER A 80 -0.92 4.98 -8.89
N VAL A 81 -0.99 4.02 -7.99
CA VAL A 81 0.06 3.02 -7.86
C VAL A 81 -0.26 1.83 -8.77
N VAL A 82 -0.80 2.15 -9.94
CA VAL A 82 -1.15 1.11 -10.90
C VAL A 82 -0.16 1.14 -12.06
N GLU A 83 0.14 2.36 -12.50
CA GLU A 83 1.07 2.54 -13.60
C GLU A 83 2.34 1.72 -13.37
N LEU A 84 2.72 1.62 -12.12
CA LEU A 84 3.92 0.88 -11.75
C LEU A 84 3.58 -0.62 -11.73
N ILE A 85 2.39 -0.92 -11.23
CA ILE A 85 1.95 -2.31 -11.16
C ILE A 85 2.25 -3.01 -12.48
N ASN A 86 2.40 -2.21 -13.52
CA ASN A 86 2.69 -2.73 -14.85
C ASN A 86 4.05 -2.22 -15.31
N HIS A 87 4.27 -0.94 -15.07
CA HIS A 87 5.53 -0.31 -15.46
C HIS A 87 6.67 -0.90 -14.63
N TYR A 88 6.48 -0.89 -13.32
CA TYR A 88 7.48 -1.42 -12.41
C TYR A 88 6.90 -2.53 -11.53
N ARG A 89 6.88 -3.73 -12.08
CA ARG A 89 6.35 -4.88 -11.36
C ARG A 89 7.47 -5.90 -11.10
N ASN A 90 8.60 -5.39 -10.64
CA ASN A 90 9.74 -6.25 -10.34
C ASN A 90 11.03 -5.45 -10.54
N GLU A 91 11.75 -5.29 -9.44
CA GLU A 91 13.01 -4.54 -9.48
C GLU A 91 13.33 -3.99 -8.10
N SER A 92 12.30 -3.92 -7.26
CA SER A 92 12.46 -3.40 -5.91
C SER A 92 12.23 -1.89 -5.91
N LEU A 93 11.96 -1.37 -4.72
CA LEU A 93 11.72 0.05 -4.56
C LEU A 93 12.63 0.60 -3.45
N ALA A 94 13.64 -0.19 -3.13
CA ALA A 94 14.58 0.21 -2.09
C ALA A 94 15.36 1.44 -2.55
N GLN A 95 14.63 2.52 -2.73
CA GLN A 95 15.23 3.78 -3.16
C GLN A 95 16.17 4.31 -2.08
N TYR A 96 15.58 5.03 -1.14
CA TYR A 96 16.36 5.61 -0.05
C TYR A 96 16.41 4.66 1.14
N ASN A 97 15.60 3.62 1.07
CA ASN A 97 15.56 2.62 2.13
C ASN A 97 14.56 1.53 1.76
N PRO A 98 14.85 0.28 2.24
CA PRO A 98 13.99 -0.85 1.95
C PRO A 98 12.72 -0.79 2.81
N LYS A 99 12.10 0.37 2.80
CA LYS A 99 10.88 0.57 3.56
C LYS A 99 9.85 -0.50 3.15
N LEU A 100 9.82 -0.79 1.87
CA LEU A 100 8.90 -1.78 1.35
C LEU A 100 9.69 -2.84 0.56
N ASP A 101 10.08 -2.45 -0.64
CA ASP A 101 10.84 -3.35 -1.51
C ASP A 101 10.43 -4.79 -1.20
N VAL A 102 9.19 -5.12 -1.51
CA VAL A 102 8.67 -6.45 -1.28
C VAL A 102 7.71 -6.83 -2.41
N LYS A 103 7.69 -5.97 -3.43
CA LYS A 103 6.83 -6.21 -4.58
C LYS A 103 5.39 -5.80 -4.22
N LEU A 104 4.58 -5.67 -5.26
CA LEU A 104 3.19 -5.28 -5.07
C LEU A 104 2.39 -5.67 -6.32
N LEU A 105 2.88 -6.69 -7.02
CA LEU A 105 2.23 -7.16 -8.22
C LEU A 105 1.27 -8.30 -7.86
N TYR A 106 1.24 -8.62 -6.58
CA TYR A 106 0.38 -9.69 -6.10
C TYR A 106 -0.56 -9.18 -4.99
N PRO A 107 -1.55 -8.36 -5.40
CA PRO A 107 -2.51 -7.81 -4.46
C PRO A 107 -3.52 -8.87 -4.01
N VAL A 108 -3.91 -8.77 -2.76
CA VAL A 108 -4.87 -9.70 -2.19
C VAL A 108 -6.15 -9.70 -3.04
N SER A 109 -6.47 -8.52 -3.55
CA SER A 109 -7.65 -8.35 -4.37
C SER A 109 -8.84 -9.10 -3.75
N LYS A 110 -8.96 -8.94 -2.44
CA LYS A 110 -10.04 -9.59 -1.71
C LYS A 110 -10.14 -11.05 -2.14
N TYR A 111 -9.45 -11.90 -1.39
CA TYR A 111 -9.46 -13.32 -1.69
C TYR A 111 -10.85 -13.80 -2.11
N GLU B 1 4.80 -6.71 13.58
CA GLU B 1 3.35 -6.66 13.45
C GLU B 1 2.95 -5.99 12.13
N GLU B 2 1.65 -5.80 11.97
CA GLU B 2 1.12 -5.18 10.77
C GLU B 2 0.33 -3.92 11.12
N GLU B 3 1.02 -3.00 11.79
CA GLU B 3 0.41 -1.75 12.20
C GLU B 3 0.31 -0.79 11.01
N MET B 5 2.85 1.91 8.80
CA MET B 5 4.16 2.49 8.52
C MET B 5 4.10 3.43 7.32
N PRO B 6 4.48 4.71 7.56
CA PRO B 6 4.47 5.70 6.50
C PRO B 6 5.66 5.49 5.54
N MET B 7 5.33 5.04 4.34
CA MET B 7 6.35 4.79 3.33
C MET B 7 5.77 4.03 2.14
N GLU B 8 6.38 4.24 0.99
CA GLU B 8 5.93 3.58 -0.23
C GLU B 8 6.72 4.10 -1.43
N ASP B 9 6.09 5.03 -2.16
CA ASP B 9 6.73 5.61 -3.33
C ASP B 9 6.72 4.59 -4.47
N LEU B 10 6.19 5.01 -5.59
CA LEU B 10 6.12 4.14 -6.77
C LEU B 10 7.38 3.29 -6.83
N LEU B 12 9.21 2.24 -9.15
CA LEU B 12 10.25 2.88 -9.94
C LEU B 12 11.49 1.99 -9.94
N ASP B 13 11.25 0.69 -10.04
CA ASP B 13 12.34 -0.27 -10.06
C ASP B 13 13.37 0.12 -9.01
N ILE B 14 14.55 -0.50 -9.13
CA ILE B 14 15.63 -0.22 -8.20
C ILE B 14 16.15 1.19 -8.42
N LEU B 15 16.15 1.97 -7.34
CA LEU B 15 16.63 3.34 -7.41
C LEU B 15 16.09 4.00 -8.68
#